data_2RLD
#
_entry.id   2RLD
#
_cell.length_a   57.238
_cell.length_b   83.823
_cell.length_c   63.923
_cell.angle_alpha   90.000
_cell.angle_beta   97.420
_cell.angle_gamma   90.000
#
_symmetry.space_group_name_H-M   'P 1 21 1'
#
loop_
_entity.id
_entity.type
_entity.pdbx_description
1 polymer 'Uncharacterized protein'
2 non-polymer 'CALCIUM ION'
3 non-polymer 'CHLORIDE ION'
4 non-polymer 1,2-ETHANEDIOL
5 water water
#
_entity_poly.entity_id   1
_entity_poly.type   'polypeptide(L)'
_entity_poly.pdbx_seq_one_letter_code
;G(MSE)RED(MSE)KDNVVKDKSLEFAVRIVNLYKFLVNEQKEFV(MSE)SKQILRSGTSIGANIREAEQAQSRADFINK
LNIALKEANETEYWLELLIRTEYITREQYESINNDSTEINKLLISIIKTTKNN
;
_entity_poly.pdbx_strand_id   A,B,C,D,E
#
# COMPACT_ATOMS: atom_id res chain seq x y z
N GLY A 1 -24.32 28.59 -3.34
CA GLY A 1 -23.86 27.18 -3.19
C GLY A 1 -25.03 26.25 -2.94
N ARG A 3 -27.04 23.21 -0.63
CA ARG A 3 -27.24 22.94 0.78
C ARG A 3 -26.05 22.14 1.31
N GLU A 4 -25.60 22.49 2.52
CA GLU A 4 -24.46 21.78 3.09
C GLU A 4 -24.75 20.29 3.22
N ASP A 5 -25.96 19.96 3.64
CA ASP A 5 -26.33 18.56 3.80
C ASP A 5 -26.46 17.76 2.50
N LYS A 7 -23.94 18.12 0.01
CA LYS A 7 -22.58 18.05 -0.52
C LYS A 7 -21.96 16.65 -0.45
N ASP A 8 -22.23 15.94 0.64
CA ASP A 8 -21.77 14.56 0.73
C ASP A 8 -22.46 13.65 -0.30
N ASN A 9 -23.77 13.81 -0.45
CA ASN A 9 -24.52 13.03 -1.43
C ASN A 9 -24.01 13.27 -2.86
N VAL A 10 -23.74 14.53 -3.18
CA VAL A 10 -23.31 14.93 -4.52
C VAL A 10 -21.86 14.47 -4.79
N VAL A 11 -20.98 14.61 -3.81
CA VAL A 11 -19.58 14.23 -4.00
C VAL A 11 -19.44 12.73 -4.15
N LYS A 12 -20.32 11.97 -3.49
CA LYS A 12 -20.37 10.54 -3.72
C LYS A 12 -20.71 10.23 -5.21
N ASP A 13 -21.74 10.88 -5.73
CA ASP A 13 -22.21 10.67 -7.10
CA ASP A 13 -22.18 10.63 -7.09
C ASP A 13 -21.15 11.11 -8.09
N LYS A 14 -20.63 12.31 -7.88
CA LYS A 14 -19.64 12.89 -8.79
C LYS A 14 -18.35 12.08 -8.85
N SER A 15 -17.94 11.52 -7.70
CA SER A 15 -16.69 10.74 -7.65
C SER A 15 -16.79 9.41 -8.40
N LEU A 16 -17.96 8.79 -8.38
CA LEU A 16 -18.20 7.61 -9.20
C LEU A 16 -18.15 7.99 -10.69
N GLU A 17 -18.89 9.01 -11.09
CA GLU A 17 -18.81 9.45 -12.49
C GLU A 17 -17.40 9.82 -12.95
N PHE A 18 -16.65 10.42 -12.04
CA PHE A 18 -15.29 10.83 -12.34
C PHE A 18 -14.40 9.60 -12.50
N ALA A 19 -14.58 8.58 -11.66
CA ALA A 19 -13.79 7.33 -11.77
C ALA A 19 -14.03 6.70 -13.14
N VAL A 20 -15.27 6.79 -13.61
CA VAL A 20 -15.63 6.28 -14.94
C VAL A 20 -14.84 7.03 -16.01
N ARG A 21 -14.84 8.37 -15.92
CA ARG A 21 -14.07 9.19 -16.87
C ARG A 21 -12.57 8.81 -16.86
N ILE A 22 -12.04 8.53 -15.67
CA ILE A 22 -10.61 8.26 -15.55
C ILE A 22 -10.29 6.92 -16.20
N VAL A 23 -11.14 5.91 -15.98
CA VAL A 23 -10.96 4.64 -16.67
C VAL A 23 -10.96 4.86 -18.17
N ASN A 24 -11.91 5.65 -18.67
CA ASN A 24 -11.98 5.95 -20.10
C ASN A 24 -10.75 6.73 -20.60
N LEU A 25 -10.22 7.61 -19.76
CA LEU A 25 -8.98 8.31 -20.11
C LEU A 25 -7.81 7.31 -20.21
N TYR A 26 -7.75 6.40 -19.24
CA TYR A 26 -6.75 5.33 -19.23
C TYR A 26 -6.80 4.55 -20.52
N LYS A 27 -8.01 4.14 -20.91
CA LYS A 27 -8.17 3.31 -22.12
C LYS A 27 -7.70 4.10 -23.33
N PHE A 28 -8.08 5.38 -23.41
CA PHE A 28 -7.60 6.28 -24.49
C PHE A 28 -6.08 6.36 -24.54
N LEU A 29 -5.47 6.53 -23.38
CA LEU A 29 -4.02 6.72 -23.29
C LEU A 29 -3.25 5.50 -23.76
N VAL A 30 -3.68 4.33 -23.31
CA VAL A 30 -2.97 3.08 -23.64
C VAL A 30 -3.25 2.65 -25.07
N ASN A 31 -4.52 2.68 -25.46
CA ASN A 31 -4.98 2.15 -26.77
C ASN A 31 -4.68 3.08 -27.93
N GLU A 32 -4.89 4.39 -27.71
CA GLU A 32 -4.72 5.36 -28.79
CA GLU A 32 -4.74 5.38 -28.78
C GLU A 32 -3.37 6.08 -28.74
N GLN A 33 -3.00 6.57 -27.57
CA GLN A 33 -1.73 7.31 -27.44
C GLN A 33 -0.51 6.43 -27.17
N LYS A 34 -0.72 5.14 -26.89
CA LYS A 34 0.36 4.23 -26.49
C LYS A 34 1.20 4.76 -25.32
N GLU A 35 0.51 5.29 -24.32
CA GLU A 35 1.16 5.88 -23.16
C GLU A 35 0.83 4.99 -21.98
N PHE A 36 1.89 4.50 -21.32
CA PHE A 36 1.76 3.42 -20.37
C PHE A 36 2.16 3.73 -18.95
N VAL A 37 2.71 4.91 -18.70
CA VAL A 37 3.28 5.25 -17.40
C VAL A 37 2.29 6.12 -16.60
N SER A 39 -0.64 7.00 -17.47
CA SER A 39 -1.95 6.39 -17.57
C SER A 39 -2.22 5.45 -16.43
N LYS A 40 -1.26 4.58 -16.13
CA LYS A 40 -1.45 3.63 -15.02
C LYS A 40 -1.54 4.34 -13.68
N GLN A 41 -0.73 5.37 -13.49
CA GLN A 41 -0.74 6.11 -12.24
C GLN A 41 -2.05 6.85 -12.01
N ILE A 42 -2.53 7.51 -13.05
CA ILE A 42 -3.77 8.27 -12.89
C ILE A 42 -4.98 7.34 -12.71
N LEU A 43 -4.90 6.17 -13.32
CA LEU A 43 -5.96 5.17 -13.14
C LEU A 43 -6.11 4.85 -11.67
N ARG A 44 -4.98 4.65 -11.00
CA ARG A 44 -5.01 4.29 -9.58
CA ARG A 44 -4.98 4.30 -9.58
C ARG A 44 -5.54 5.45 -8.74
N SER A 45 -4.93 6.62 -8.88
CA SER A 45 -5.30 7.77 -8.07
C SER A 45 -6.75 8.18 -8.35
N GLY A 46 -7.13 8.22 -9.63
CA GLY A 46 -8.43 8.76 -9.99
C GLY A 46 -9.66 7.92 -9.59
N THR A 47 -9.46 6.60 -9.58
CA THR A 47 -10.51 5.68 -9.15
C THR A 47 -10.58 5.50 -7.61
N SER A 48 -9.48 5.85 -6.93
CA SER A 48 -9.36 5.70 -5.49
CA SER A 48 -9.39 5.67 -5.49
C SER A 48 -10.19 6.74 -4.76
N ILE A 49 -10.29 7.91 -5.36
CA ILE A 49 -11.03 9.03 -4.76
C ILE A 49 -12.43 8.58 -4.28
N GLY A 50 -13.22 8.02 -5.18
CA GLY A 50 -14.59 7.61 -4.86
C GLY A 50 -14.66 6.47 -3.87
N ALA A 51 -13.67 5.56 -3.91
CA ALA A 51 -13.59 4.45 -2.93
C ALA A 51 -13.44 5.02 -1.52
N ASN A 52 -12.53 5.96 -1.33
CA ASN A 52 -12.35 6.56 0.01
C ASN A 52 -13.57 7.36 0.46
N ILE A 53 -14.22 8.02 -0.50
CA ILE A 53 -15.47 8.73 -0.16
C ILE A 53 -16.54 7.74 0.30
N ARG A 54 -16.69 6.63 -0.42
CA ARG A 54 -17.62 5.59 0.05
C ARG A 54 -17.29 5.13 1.46
N GLU A 55 -16.02 4.87 1.74
CA GLU A 55 -15.61 4.42 3.08
C GLU A 55 -15.98 5.42 4.19
N ALA A 56 -15.84 6.70 3.90
CA ALA A 56 -16.17 7.74 4.87
C ALA A 56 -17.65 7.64 5.28
N GLU A 57 -18.51 7.13 4.42
CA GLU A 57 -19.89 6.85 4.83
C GLU A 57 -19.99 5.99 6.11
N GLN A 58 -19.05 5.07 6.35
CA GLN A 58 -19.09 4.22 7.55
C GLN A 58 -18.13 4.68 8.66
N SER A 61 -16.68 7.96 13.84
CA SER A 61 -15.94 9.08 14.41
C SER A 61 -15.88 10.22 13.41
N ARG A 62 -15.98 11.47 13.91
CA ARG A 62 -15.71 12.64 13.08
C ARG A 62 -14.28 12.53 12.56
N ALA A 63 -13.37 12.20 13.48
CA ALA A 63 -11.96 12.04 13.14
C ALA A 63 -11.76 11.11 11.96
N ASP A 64 -12.33 9.91 12.03
CA ASP A 64 -12.14 8.94 10.95
C ASP A 64 -12.80 9.38 9.65
N PHE A 65 -13.96 10.01 9.78
CA PHE A 65 -14.63 10.65 8.67
C PHE A 65 -13.70 11.64 7.98
N ILE A 66 -13.12 12.55 8.76
CA ILE A 66 -12.24 13.58 8.22
CA ILE A 66 -12.24 13.58 8.23
C ILE A 66 -10.98 12.97 7.61
N ASN A 67 -10.40 11.98 8.29
CA ASN A 67 -9.25 11.25 7.77
CA ASN A 67 -9.24 11.29 7.76
C ASN A 67 -9.49 10.67 6.38
N LYS A 68 -10.60 9.96 6.22
CA LYS A 68 -10.91 9.34 4.93
C LYS A 68 -11.11 10.37 3.84
N LEU A 69 -11.83 11.44 4.17
CA LEU A 69 -12.06 12.47 3.18
C LEU A 69 -10.76 13.19 2.80
N ASN A 70 -9.85 13.37 3.77
CA ASN A 70 -8.55 13.93 3.46
C ASN A 70 -7.74 13.05 2.53
N ILE A 71 -7.86 11.74 2.68
CA ILE A 71 -7.21 10.80 1.74
C ILE A 71 -7.82 11.00 0.36
N ALA A 72 -9.15 11.06 0.29
CA ALA A 72 -9.80 11.31 -1.00
C ALA A 72 -9.31 12.61 -1.63
N LEU A 73 -9.18 13.67 -0.82
CA LEU A 73 -8.70 14.95 -1.30
C LEU A 73 -7.24 14.85 -1.83
N LYS A 74 -6.37 14.18 -1.09
CA LYS A 74 -4.99 13.90 -1.53
C LYS A 74 -4.98 13.21 -2.91
N GLU A 75 -5.84 12.21 -3.09
CA GLU A 75 -5.88 11.46 -4.34
CA GLU A 75 -5.90 11.45 -4.34
C GLU A 75 -6.44 12.31 -5.48
N ALA A 76 -7.36 13.22 -5.15
CA ALA A 76 -7.86 14.20 -6.13
C ALA A 76 -6.75 15.08 -6.63
N ASN A 77 -5.96 15.58 -5.69
CA ASN A 77 -4.81 16.40 -6.04
C ASN A 77 -3.77 15.63 -6.82
N GLU A 78 -3.52 14.36 -6.46
CA GLU A 78 -2.58 13.53 -7.20
CA GLU A 78 -2.55 13.56 -7.21
C GLU A 78 -3.06 13.39 -8.65
N THR A 79 -4.36 13.13 -8.80
CA THR A 79 -4.99 12.99 -10.10
C THR A 79 -4.83 14.26 -10.95
N GLU A 80 -5.03 15.40 -10.33
CA GLU A 80 -4.92 16.68 -10.97
C GLU A 80 -3.48 16.96 -11.36
N TYR A 81 -2.54 16.49 -10.56
CA TYR A 81 -1.09 16.59 -10.96
CA TYR A 81 -1.15 16.58 -10.91
C TYR A 81 -0.80 15.74 -12.16
N TRP A 82 -1.27 14.50 -12.19
CA TRP A 82 -1.05 13.67 -13.37
C TRP A 82 -1.69 14.32 -14.60
N LEU A 83 -2.86 14.92 -14.44
CA LEU A 83 -3.46 15.65 -15.55
C LEU A 83 -2.56 16.79 -16.04
N GLU A 84 -1.98 17.56 -15.10
CA GLU A 84 -1.02 18.60 -15.45
C GLU A 84 0.14 18.04 -16.29
N LEU A 85 0.70 16.91 -15.85
CA LEU A 85 1.79 16.26 -16.57
C LEU A 85 1.35 15.83 -17.98
N LEU A 86 0.14 15.27 -18.10
CA LEU A 86 -0.41 14.78 -19.37
C LEU A 86 -0.59 15.93 -20.37
N ILE A 87 -1.08 17.07 -19.93
CA ILE A 87 -1.21 18.23 -20.83
C ILE A 87 0.17 18.84 -21.18
N ARG A 88 1.07 18.91 -20.20
CA ARG A 88 2.42 19.40 -20.41
C ARG A 88 3.19 18.57 -21.44
N THR A 89 2.98 17.25 -21.40
CA THR A 89 3.62 16.34 -22.33
C THR A 89 2.81 16.05 -23.63
N GLU A 90 1.68 16.73 -23.78
CA GLU A 90 0.87 16.71 -25.01
C GLU A 90 0.21 15.36 -25.32
N TYR A 91 -0.08 14.57 -24.27
CA TYR A 91 -0.80 13.31 -24.45
C TYR A 91 -2.31 13.51 -24.40
N ILE A 92 -2.75 14.66 -23.87
CA ILE A 92 -4.16 15.09 -23.95
C ILE A 92 -4.23 16.50 -24.51
N THR A 93 -5.37 16.83 -25.11
CA THR A 93 -5.63 18.19 -25.60
C THR A 93 -5.94 19.13 -24.44
N ARG A 94 -5.83 20.42 -24.71
CA ARG A 94 -6.25 21.45 -23.75
C ARG A 94 -7.72 21.22 -23.38
N GLU A 95 -8.55 20.93 -24.39
CA GLU A 95 -9.96 20.59 -24.16
C GLU A 95 -10.18 19.44 -23.20
N GLN A 96 -9.49 18.33 -23.41
CA GLN A 96 -9.61 17.18 -22.53
C GLN A 96 -9.15 17.56 -21.11
N TYR A 97 -8.00 18.22 -21.04
CA TYR A 97 -7.46 18.67 -19.77
C TYR A 97 -8.45 19.54 -18.99
N GLU A 98 -9.02 20.53 -19.63
CA GLU A 98 -9.88 21.44 -18.91
C GLU A 98 -11.13 20.70 -18.45
N SER A 99 -11.65 19.83 -19.29
CA SER A 99 -12.91 19.13 -18.98
C SER A 99 -12.72 18.20 -17.80
N ILE A 100 -11.68 17.38 -17.89
CA ILE A 100 -11.43 16.39 -16.84
C ILE A 100 -10.99 17.08 -15.53
N ASN A 101 -10.16 18.09 -15.65
CA ASN A 101 -9.72 18.85 -14.48
C ASN A 101 -10.85 19.60 -13.73
N ASN A 102 -11.75 20.20 -14.49
CA ASN A 102 -12.91 20.85 -13.90
C ASN A 102 -13.73 19.89 -13.08
N ASP A 103 -13.98 18.70 -13.64
CA ASP A 103 -14.67 17.66 -12.87
C ASP A 103 -13.92 17.29 -11.61
N SER A 104 -12.58 17.18 -11.70
CA SER A 104 -11.78 16.78 -10.57
C SER A 104 -11.78 17.86 -9.49
N THR A 105 -11.65 19.10 -9.91
CA THR A 105 -11.58 20.20 -8.96
C THR A 105 -12.94 20.51 -8.30
N GLU A 106 -14.04 20.18 -8.97
CA GLU A 106 -15.39 20.24 -8.34
C GLU A 106 -15.45 19.32 -7.12
N ILE A 107 -14.80 18.14 -7.21
CA ILE A 107 -14.70 17.18 -6.10
C ILE A 107 -13.84 17.78 -4.96
N ASN A 108 -12.72 18.43 -5.30
CA ASN A 108 -11.87 19.07 -4.28
C ASN A 108 -12.72 20.04 -3.49
N LYS A 109 -13.50 20.84 -4.20
CA LYS A 109 -14.25 21.90 -3.54
C LYS A 109 -15.29 21.36 -2.57
N LEU A 110 -16.00 20.31 -3.00
CA LEU A 110 -17.00 19.66 -2.16
C LEU A 110 -16.32 19.05 -0.92
N LEU A 111 -15.19 18.37 -1.11
CA LEU A 111 -14.51 17.71 0.01
C LEU A 111 -14.03 18.72 1.05
N ILE A 112 -13.43 19.79 0.57
CA ILE A 112 -12.96 20.86 1.45
C ILE A 112 -14.09 21.44 2.29
N SER A 113 -15.19 21.76 1.62
CA SER A 113 -16.37 22.28 2.32
C SER A 113 -16.92 21.30 3.37
N ILE A 114 -16.98 20.01 3.04
CA ILE A 114 -17.49 18.98 3.95
C ILE A 114 -16.56 18.85 5.17
N ILE A 115 -15.25 18.91 4.93
CA ILE A 115 -14.24 18.74 5.96
C ILE A 115 -14.24 19.94 6.93
N LYS A 116 -14.37 21.16 6.38
CA LYS A 116 -14.25 22.39 7.16
C LYS A 116 -15.47 22.66 8.04
N LYS B 7 9.77 32.67 -5.65
CA LYS B 7 10.19 31.28 -5.43
C LYS B 7 9.04 30.30 -5.56
N ASP B 8 7.85 30.75 -5.19
CA ASP B 8 6.64 29.95 -5.27
C ASP B 8 6.36 29.48 -6.70
N ASN B 9 6.39 30.42 -7.63
CA ASN B 9 6.09 30.08 -9.00
C ASN B 9 7.23 29.29 -9.62
N VAL B 10 8.45 29.68 -9.27
CA VAL B 10 9.63 28.97 -9.77
C VAL B 10 9.65 27.49 -9.32
N VAL B 11 9.38 27.24 -8.05
CA VAL B 11 9.45 25.86 -7.56
C VAL B 11 8.32 25.02 -8.18
N LYS B 12 7.17 25.66 -8.43
CA LYS B 12 6.08 25.00 -9.16
C LYS B 12 6.55 24.56 -10.55
N ASP B 13 7.09 25.51 -11.31
CA ASP B 13 7.54 25.24 -12.67
CA ASP B 13 7.53 25.25 -12.66
C ASP B 13 8.65 24.19 -12.68
N LYS B 14 9.63 24.35 -11.80
CA LYS B 14 10.77 23.46 -11.79
CA LYS B 14 10.78 23.46 -11.81
C LYS B 14 10.37 22.04 -11.41
N SER B 15 9.42 21.91 -10.46
CA SER B 15 8.97 20.58 -10.01
C SER B 15 8.19 19.88 -11.12
N LEU B 16 7.42 20.62 -11.92
CA LEU B 16 6.73 20.02 -13.07
C LEU B 16 7.72 19.54 -14.13
N GLU B 17 8.70 20.37 -14.48
CA GLU B 17 9.74 19.96 -15.43
C GLU B 17 10.50 18.75 -14.93
N PHE B 18 10.79 18.72 -13.64
CA PHE B 18 11.54 17.61 -13.04
C PHE B 18 10.70 16.35 -13.11
N ALA B 19 9.40 16.48 -12.83
CA ALA B 19 8.48 15.34 -12.97
C ALA B 19 8.52 14.75 -14.37
N VAL B 20 8.51 15.59 -15.40
CA VAL B 20 8.62 15.09 -16.76
C VAL B 20 9.96 14.38 -16.95
N ARG B 21 11.06 14.99 -16.47
CA ARG B 21 12.37 14.31 -16.56
C ARG B 21 12.34 12.92 -15.93
N ILE B 22 11.64 12.81 -14.81
CA ILE B 22 11.54 11.55 -14.09
C ILE B 22 10.71 10.54 -14.83
N VAL B 23 9.61 10.97 -15.45
CA VAL B 23 8.84 10.07 -16.33
C VAL B 23 9.73 9.57 -17.48
N ASN B 24 10.53 10.48 -18.08
CA ASN B 24 11.43 10.05 -19.15
C ASN B 24 12.53 9.12 -18.67
N LEU B 25 13.01 9.31 -17.45
CA LEU B 25 14.02 8.41 -16.87
C LEU B 25 13.42 7.01 -16.64
N TYR B 26 12.19 6.99 -16.14
CA TYR B 26 11.46 5.74 -15.94
C TYR B 26 11.36 4.95 -17.26
N LYS B 27 10.96 5.63 -18.33
CA LYS B 27 10.81 4.99 -19.63
C LYS B 27 12.17 4.40 -20.11
N PHE B 28 13.23 5.17 -19.94
CA PHE B 28 14.58 4.73 -20.31
C PHE B 28 14.97 3.47 -19.55
N LEU B 29 14.75 3.52 -18.24
CA LEU B 29 15.12 2.44 -17.37
C LEU B 29 14.34 1.18 -17.74
N VAL B 30 13.00 1.31 -17.88
CA VAL B 30 12.18 0.13 -18.17
C VAL B 30 12.40 -0.39 -19.61
N ASN B 31 12.37 0.50 -20.60
CA ASN B 31 12.39 0.06 -21.97
C ASN B 31 13.78 -0.31 -22.47
N GLU B 32 14.78 0.49 -22.15
CA GLU B 32 16.14 0.26 -22.64
CA GLU B 32 16.12 0.23 -22.65
C GLU B 32 16.95 -0.59 -21.67
N GLN B 33 16.86 -0.28 -20.37
CA GLN B 33 17.68 -0.96 -19.40
C GLN B 33 17.02 -2.20 -18.76
N LYS B 34 15.74 -2.42 -19.07
CA LYS B 34 14.94 -3.47 -18.45
C LYS B 34 15.09 -3.47 -16.92
N GLU B 35 14.95 -2.28 -16.33
CA GLU B 35 15.10 -2.09 -14.89
C GLU B 35 13.75 -1.68 -14.38
N PHE B 36 13.18 -2.52 -13.54
CA PHE B 36 11.78 -2.36 -13.12
C PHE B 36 11.60 -2.01 -11.64
N VAL B 37 12.69 -2.04 -10.86
CA VAL B 37 12.57 -1.94 -9.40
C VAL B 37 12.92 -0.58 -8.87
N SER B 39 13.58 1.89 -10.79
CA SER B 39 12.78 2.77 -11.63
C SER B 39 11.39 3.10 -11.03
N LYS B 40 10.65 2.09 -10.57
CA LYS B 40 9.33 2.30 -10.00
C LYS B 40 9.42 3.21 -8.77
N GLN B 41 10.45 3.00 -7.93
CA GLN B 41 10.61 3.81 -6.71
C GLN B 41 10.86 5.28 -7.02
N ILE B 42 11.73 5.57 -7.98
CA ILE B 42 12.08 6.97 -8.31
C ILE B 42 10.96 7.66 -9.12
N LEU B 43 10.18 6.88 -9.85
CA LEU B 43 9.03 7.45 -10.50
C LEU B 43 8.11 8.01 -9.41
N ARG B 44 7.88 7.22 -8.36
CA ARG B 44 6.99 7.66 -7.30
C ARG B 44 7.54 8.88 -6.59
N SER B 45 8.78 8.80 -6.13
CA SER B 45 9.33 9.88 -5.31
C SER B 45 9.47 11.15 -6.13
N GLY B 46 9.95 11.00 -7.36
CA GLY B 46 10.31 12.10 -8.23
C GLY B 46 9.13 12.93 -8.65
N THR B 47 8.00 12.27 -8.91
CA THR B 47 6.78 12.94 -9.25
C THR B 47 6.03 13.42 -8.01
N SER B 48 6.28 12.79 -6.85
CA SER B 48 5.61 13.19 -5.60
C SER B 48 6.06 14.56 -5.10
N ILE B 49 7.25 14.99 -5.51
CA ILE B 49 7.74 16.31 -5.16
C ILE B 49 6.72 17.38 -5.62
N GLY B 50 6.47 17.44 -6.93
CA GLY B 50 5.47 18.36 -7.47
C GLY B 50 4.05 18.21 -6.95
N ALA B 51 3.60 16.96 -6.79
CA ALA B 51 2.28 16.68 -6.22
C ALA B 51 2.10 17.34 -4.86
N ASN B 52 3.14 17.28 -4.02
CA ASN B 52 3.07 17.82 -2.67
C ASN B 52 3.15 19.34 -2.72
N ILE B 53 3.92 19.89 -3.66
CA ILE B 53 3.97 21.33 -3.87
C ILE B 53 2.58 21.84 -4.25
N ARG B 54 1.88 21.05 -5.06
CA ARG B 54 0.53 21.39 -5.47
C ARG B 54 -0.42 21.42 -4.27
N GLU B 55 -0.36 20.38 -3.44
CA GLU B 55 -1.13 20.33 -2.21
C GLU B 55 -0.82 21.52 -1.27
N ALA B 56 0.45 21.85 -1.15
CA ALA B 56 0.87 23.02 -0.35
C ALA B 56 0.16 24.25 -0.86
N GLU B 57 0.15 24.44 -2.18
CA GLU B 57 -0.54 25.58 -2.79
C GLU B 57 -2.04 25.60 -2.46
N GLN B 58 -2.63 24.43 -2.30
CA GLN B 58 -4.05 24.36 -1.98
CA GLN B 58 -4.06 24.27 -1.99
C GLN B 58 -4.34 24.28 -0.49
N ALA B 59 -3.28 24.40 0.33
CA ALA B 59 -3.42 24.31 1.79
C ALA B 59 -4.32 25.40 2.38
N GLN B 60 -5.19 25.00 3.30
CA GLN B 60 -6.11 25.95 3.95
C GLN B 60 -5.52 26.62 5.19
N SER B 61 -4.32 26.19 5.61
CA SER B 61 -3.70 26.68 6.85
C SER B 61 -2.19 26.70 6.71
N ARG B 62 -1.52 27.40 7.62
CA ARG B 62 -0.05 27.47 7.57
C ARG B 62 0.62 26.14 7.92
N ALA B 63 0.07 25.46 8.94
CA ALA B 63 0.58 24.15 9.32
C ALA B 63 0.48 23.16 8.15
N ASP B 64 -0.65 23.21 7.43
CA ASP B 64 -0.85 22.31 6.28
C ASP B 64 0.11 22.64 5.15
N PHE B 65 0.33 23.94 4.91
CA PHE B 65 1.26 24.43 3.90
C PHE B 65 2.67 23.93 4.16
N ILE B 66 3.16 24.19 5.37
CA ILE B 66 4.52 23.78 5.73
C ILE B 66 4.65 22.25 5.72
N ASN B 67 3.65 21.56 6.23
CA ASN B 67 3.64 20.09 6.24
C ASN B 67 3.86 19.55 4.82
N LYS B 68 3.11 20.09 3.85
CA LYS B 68 3.15 19.56 2.50
C LYS B 68 4.48 19.87 1.84
N LEU B 69 5.01 21.06 2.06
CA LEU B 69 6.35 21.37 1.56
C LEU B 69 7.43 20.49 2.21
N ASN B 70 7.28 20.19 3.49
CA ASN B 70 8.21 19.24 4.15
C ASN B 70 8.15 17.84 3.54
N ILE B 71 6.94 17.40 3.20
CA ILE B 71 6.79 16.13 2.49
C ILE B 71 7.46 16.21 1.10
N ALA B 72 7.23 17.29 0.37
CA ALA B 72 7.96 17.50 -0.90
C ALA B 72 9.47 17.40 -0.77
N LEU B 73 10.02 18.02 0.27
CA LEU B 73 11.46 17.98 0.54
C LEU B 73 11.93 16.54 0.86
N LYS B 74 11.13 15.83 1.66
CA LYS B 74 11.38 14.42 1.93
C LYS B 74 11.43 13.61 0.63
N GLU B 75 10.52 13.93 -0.27
CA GLU B 75 10.42 13.20 -1.54
C GLU B 75 11.60 13.57 -2.44
N ALA B 76 12.06 14.82 -2.37
CA ALA B 76 13.27 15.22 -3.10
C ALA B 76 14.50 14.47 -2.57
N ASN B 77 14.61 14.36 -1.26
CA ASN B 77 15.73 13.65 -0.66
C ASN B 77 15.65 12.16 -1.00
N GLU B 78 14.44 11.60 -1.04
CA GLU B 78 14.31 10.16 -1.37
C GLU B 78 14.70 9.93 -2.83
N THR B 79 14.31 10.86 -3.70
CA THR B 79 14.67 10.80 -5.12
C THR B 79 16.21 10.74 -5.29
N GLU B 80 16.91 11.60 -4.54
CA GLU B 80 18.37 11.65 -4.57
C GLU B 80 18.99 10.33 -4.07
N TYR B 81 18.35 9.69 -3.11
CA TYR B 81 18.76 8.36 -2.63
C TYR B 81 18.64 7.32 -3.74
N TRP B 82 17.49 7.26 -4.40
CA TRP B 82 17.36 6.29 -5.51
C TRP B 82 18.34 6.60 -6.66
N LEU B 83 18.55 7.89 -6.96
CA LEU B 83 19.56 8.28 -7.94
C LEU B 83 20.95 7.72 -7.60
N GLU B 84 21.33 7.79 -6.33
CA GLU B 84 22.60 7.24 -5.87
C GLU B 84 22.66 5.74 -6.10
N LEU B 85 21.57 5.05 -5.83
CA LEU B 85 21.51 3.63 -6.07
C LEU B 85 21.61 3.33 -7.58
N LEU B 86 20.95 4.12 -8.39
CA LEU B 86 21.02 3.93 -9.84
C LEU B 86 22.43 4.16 -10.44
N ILE B 87 23.19 5.15 -9.94
CA ILE B 87 24.56 5.36 -10.44
CA ILE B 87 24.54 5.35 -10.45
C ILE B 87 25.45 4.25 -9.91
N ARG B 88 25.27 3.87 -8.65
CA ARG B 88 26.05 2.77 -8.08
C ARG B 88 25.93 1.44 -8.83
N THR B 89 24.76 1.18 -9.37
CA THR B 89 24.46 -0.05 -10.11
C THR B 89 24.61 0.15 -11.62
N GLU B 90 25.15 1.32 -11.98
CA GLU B 90 25.51 1.68 -13.36
C GLU B 90 24.37 1.66 -14.36
N TYR B 91 23.16 1.97 -13.88
CA TYR B 91 21.99 2.12 -14.77
C TYR B 91 21.94 3.48 -15.43
N ILE B 92 22.56 4.47 -14.81
CA ILE B 92 22.73 5.82 -15.38
C ILE B 92 24.23 6.14 -15.36
N THR B 93 24.65 7.00 -16.27
CA THR B 93 26.03 7.47 -16.31
C THR B 93 26.24 8.54 -15.26
N ARG B 94 27.49 8.86 -14.98
CA ARG B 94 27.85 10.00 -14.13
C ARG B 94 27.24 11.30 -14.63
N GLU B 95 27.27 11.54 -15.95
CA GLU B 95 26.69 12.77 -16.48
C GLU B 95 25.18 12.86 -16.27
N GLN B 96 24.49 11.75 -16.53
CA GLN B 96 23.06 11.63 -16.32
C GLN B 96 22.71 11.87 -14.85
N TYR B 97 23.48 11.25 -13.97
CA TYR B 97 23.30 11.41 -12.54
C TYR B 97 23.47 12.86 -12.10
N GLU B 98 24.56 13.50 -12.51
CA GLU B 98 24.82 14.87 -12.12
C GLU B 98 23.71 15.80 -12.63
N SER B 99 23.27 15.56 -13.85
CA SER B 99 22.25 16.41 -14.47
C SER B 99 20.90 16.33 -13.72
N ILE B 100 20.44 15.10 -13.46
CA ILE B 100 19.18 14.93 -12.76
C ILE B 100 19.32 15.36 -11.31
N ASN B 101 20.43 15.01 -10.67
CA ASN B 101 20.67 15.41 -9.28
C ASN B 101 20.73 16.93 -9.12
N ASN B 102 21.36 17.63 -10.09
CA ASN B 102 21.38 19.09 -10.08
C ASN B 102 19.97 19.66 -10.03
N ASP B 103 19.07 19.10 -10.82
CA ASP B 103 17.71 19.60 -10.89
C ASP B 103 16.96 19.31 -9.56
N SER B 104 17.20 18.15 -8.97
CA SER B 104 16.57 17.79 -7.70
C SER B 104 17.09 18.74 -6.63
N THR B 105 18.40 18.97 -6.59
CA THR B 105 18.96 19.78 -5.52
C THR B 105 18.58 21.25 -5.66
N GLU B 106 18.30 21.70 -6.89
CA GLU B 106 17.81 23.04 -7.11
C GLU B 106 16.44 23.16 -6.44
N ILE B 107 15.61 22.15 -6.60
CA ILE B 107 14.30 22.10 -5.94
C ILE B 107 14.45 22.05 -4.39
N ASN B 108 15.34 21.22 -3.87
CA ASN B 108 15.64 21.17 -2.44
C ASN B 108 15.85 22.55 -1.87
N LYS B 109 16.73 23.32 -2.54
CA LYS B 109 17.11 24.65 -2.06
C LYS B 109 15.95 25.63 -2.07
N LEU B 110 15.11 25.55 -3.11
CA LEU B 110 13.94 26.41 -3.21
C LEU B 110 12.94 26.09 -2.10
N LEU B 111 12.71 24.79 -1.86
CA LEU B 111 11.79 24.34 -0.85
C LEU B 111 12.25 24.82 0.51
N ILE B 112 13.53 24.64 0.82
CA ILE B 112 14.08 25.08 2.12
C ILE B 112 13.90 26.57 2.29
N SER B 113 14.23 27.32 1.24
CA SER B 113 14.08 28.77 1.26
CA SER B 113 14.08 28.76 1.28
C SER B 113 12.66 29.15 1.61
N ILE B 114 11.68 28.48 0.98
CA ILE B 114 10.28 28.81 1.23
C ILE B 114 9.87 28.41 2.66
N ILE B 115 10.26 27.21 3.08
CA ILE B 115 9.91 26.70 4.41
C ILE B 115 10.49 27.63 5.49
N LYS B 116 11.70 28.12 5.25
CA LYS B 116 12.40 28.98 6.20
C LYS B 116 11.99 30.46 6.16
N THR B 117 11.03 30.80 5.30
CA THR B 117 10.60 32.18 5.19
C THR B 117 9.81 32.60 6.44
N ARG C 3 -35.34 -15.58 10.84
CA ARG C 3 -35.25 -15.64 12.30
C ARG C 3 -34.12 -14.73 12.81
N GLU C 4 -34.45 -13.85 13.75
CA GLU C 4 -33.51 -12.81 14.21
C GLU C 4 -32.23 -13.39 14.80
N ASP C 5 -32.38 -14.46 15.58
CA ASP C 5 -31.24 -15.13 16.22
C ASP C 5 -30.17 -15.55 15.23
N LYS C 7 -29.25 -14.25 12.27
CA LYS C 7 -28.70 -13.27 11.34
C LYS C 7 -27.17 -13.24 11.32
N ASP C 8 -26.53 -13.42 12.48
CA ASP C 8 -25.07 -13.38 12.56
C ASP C 8 -24.43 -14.63 11.95
N ASN C 9 -25.02 -15.79 12.20
CA ASN C 9 -24.45 -17.05 11.68
C ASN C 9 -24.60 -17.14 10.17
N VAL C 10 -25.75 -16.67 9.68
CA VAL C 10 -26.00 -16.63 8.26
C VAL C 10 -25.12 -15.61 7.54
N VAL C 11 -24.89 -14.44 8.13
CA VAL C 11 -24.06 -13.44 7.43
C VAL C 11 -22.59 -13.91 7.36
N LYS C 12 -22.13 -14.66 8.35
CA LYS C 12 -20.80 -15.26 8.30
C LYS C 12 -20.71 -16.20 7.11
N ASP C 13 -21.61 -17.18 7.02
CA ASP C 13 -21.58 -18.10 5.89
C ASP C 13 -21.69 -17.37 4.53
N LYS C 14 -22.60 -16.40 4.46
CA LYS C 14 -22.75 -15.64 3.20
C LYS C 14 -21.48 -14.91 2.84
N SER C 15 -20.77 -14.37 3.84
CA SER C 15 -19.54 -13.62 3.60
C SER C 15 -18.42 -14.52 3.07
N LEU C 16 -18.37 -15.76 3.55
CA LEU C 16 -17.35 -16.72 3.08
C LEU C 16 -17.63 -17.14 1.63
N GLU C 17 -18.90 -17.44 1.35
CA GLU C 17 -19.29 -17.74 -0.02
C GLU C 17 -18.97 -16.56 -0.93
N PHE C 18 -19.22 -15.34 -0.43
CA PHE C 18 -18.96 -14.15 -1.23
C PHE C 18 -17.47 -13.95 -1.51
N ALA C 19 -16.63 -14.15 -0.48
CA ALA C 19 -15.19 -14.07 -0.63
C ALA C 19 -14.74 -14.98 -1.79
N VAL C 20 -15.33 -16.17 -1.88
CA VAL C 20 -14.95 -17.11 -2.93
C VAL C 20 -15.36 -16.55 -4.32
N ARG C 21 -16.55 -15.98 -4.42
CA ARG C 21 -16.99 -15.37 -5.64
C ARG C 21 -16.04 -14.21 -6.01
N ILE C 22 -15.62 -13.43 -5.01
CA ILE C 22 -14.69 -12.33 -5.25
C ILE C 22 -13.33 -12.84 -5.76
N VAL C 23 -12.87 -13.95 -5.21
CA VAL C 23 -11.65 -14.57 -5.74
C VAL C 23 -11.82 -14.94 -7.21
N ASN C 24 -12.94 -15.57 -7.54
CA ASN C 24 -13.20 -15.91 -8.95
C ASN C 24 -13.28 -14.69 -9.88
N LEU C 25 -13.91 -13.61 -9.40
CA LEU C 25 -13.97 -12.39 -10.14
C LEU C 25 -12.59 -11.81 -10.37
N TYR C 26 -11.75 -11.87 -9.35
CA TYR C 26 -10.36 -11.40 -9.48
C TYR C 26 -9.62 -12.14 -10.55
N LYS C 27 -9.73 -13.46 -10.54
CA LYS C 27 -9.11 -14.28 -11.59
C LYS C 27 -9.60 -13.90 -12.99
N PHE C 28 -10.91 -13.73 -13.13
CA PHE C 28 -11.53 -13.30 -14.38
C PHE C 28 -10.94 -11.99 -14.86
N LEU C 29 -10.90 -11.00 -13.96
CA LEU C 29 -10.43 -9.67 -14.32
C LEU C 29 -8.97 -9.69 -14.74
N VAL C 30 -8.15 -10.37 -13.95
CA VAL C 30 -6.72 -10.38 -14.25
C VAL C 30 -6.41 -11.23 -15.48
N ASN C 31 -6.90 -12.47 -15.51
CA ASN C 31 -6.50 -13.45 -16.52
C ASN C 31 -7.19 -13.23 -17.86
N GLU C 32 -8.47 -12.88 -17.83
CA GLU C 32 -9.24 -12.71 -19.05
CA GLU C 32 -9.24 -12.70 -19.06
C GLU C 32 -9.31 -11.25 -19.50
N GLN C 33 -9.54 -10.33 -18.57
CA GLN C 33 -9.68 -8.91 -18.94
C GLN C 33 -8.36 -8.13 -18.84
N LYS C 34 -7.31 -8.75 -18.33
CA LYS C 34 -6.01 -8.08 -18.16
C LYS C 34 -6.13 -6.76 -17.39
N GLU C 35 -6.97 -6.77 -16.35
CA GLU C 35 -7.22 -5.62 -15.49
C GLU C 35 -6.64 -5.88 -14.11
N PHE C 36 -5.72 -5.00 -13.72
CA PHE C 36 -4.86 -5.26 -12.56
C PHE C 36 -5.05 -4.29 -11.41
N VAL C 37 -5.73 -3.18 -11.65
CA VAL C 37 -5.82 -2.11 -10.64
C VAL C 37 -7.12 -2.22 -9.84
N SER C 39 -9.20 -4.67 -9.95
CA SER C 39 -9.28 -6.05 -9.51
C SER C 39 -8.60 -6.22 -8.15
N LYS C 40 -7.44 -5.62 -7.96
CA LYS C 40 -6.75 -5.77 -6.67
C LYS C 40 -7.52 -5.08 -5.55
N GLN C 41 -8.12 -3.94 -5.86
CA GLN C 41 -8.89 -3.19 -4.87
C GLN C 41 -10.09 -4.01 -4.41
N ILE C 42 -10.80 -4.62 -5.35
CA ILE C 42 -12.01 -5.34 -5.00
C ILE C 42 -11.73 -6.71 -4.41
N LEU C 43 -10.60 -7.31 -4.76
CA LEU C 43 -10.17 -8.53 -4.08
C LEU C 43 -10.02 -8.26 -2.58
N ARG C 44 -9.39 -7.14 -2.27
CA ARG C 44 -9.19 -6.75 -0.88
CA ARG C 44 -9.19 -6.75 -0.88
C ARG C 44 -10.51 -6.43 -0.16
N SER C 45 -11.31 -5.55 -0.74
CA SER C 45 -12.52 -5.14 -0.05
C SER C 45 -13.50 -6.30 0.05
N GLY C 46 -13.63 -7.08 -1.01
CA GLY C 46 -14.65 -8.13 -1.08
C GLY C 46 -14.35 -9.28 -0.12
N THR C 47 -13.09 -9.60 0.05
CA THR C 47 -12.69 -10.68 0.98
C THR C 47 -12.57 -10.19 2.41
N SER C 48 -12.43 -8.87 2.60
CA SER C 48 -12.30 -8.28 3.93
C SER C 48 -13.64 -8.23 4.69
N ILE C 49 -14.75 -8.26 3.95
CA ILE C 49 -16.07 -8.34 4.58
C ILE C 49 -16.08 -9.54 5.57
N GLY C 50 -15.78 -10.74 5.05
CA GLY C 50 -15.78 -11.96 5.90
C GLY C 50 -14.74 -11.93 7.01
N ALA C 51 -13.58 -11.36 6.71
CA ALA C 51 -12.50 -11.29 7.69
C ALA C 51 -12.92 -10.44 8.92
N ASN C 52 -13.61 -9.34 8.68
CA ASN C 52 -14.07 -8.52 9.79
C ASN C 52 -15.22 -9.15 10.54
N ILE C 53 -16.07 -9.89 9.84
CA ILE C 53 -17.16 -10.61 10.52
C ILE C 53 -16.52 -11.63 11.46
N ARG C 54 -15.48 -12.29 10.99
CA ARG C 54 -14.72 -13.22 11.83
C ARG C 54 -14.10 -12.53 13.06
N GLU C 55 -13.59 -11.30 12.89
CA GLU C 55 -13.09 -10.56 14.06
C GLU C 55 -14.24 -10.25 14.99
N ALA C 56 -15.39 -9.83 14.43
CA ALA C 56 -16.59 -9.52 15.23
C ALA C 56 -16.98 -10.68 16.15
N GLU C 57 -16.95 -11.88 15.60
CA GLU C 57 -17.37 -13.07 16.35
C GLU C 57 -16.46 -13.32 17.56
N GLN C 58 -15.25 -12.77 17.51
CA GLN C 58 -14.26 -12.91 18.57
C GLN C 58 -14.22 -11.76 19.56
N ALA C 59 -15.14 -10.80 19.39
CA ALA C 59 -15.19 -9.59 20.21
C ALA C 59 -15.34 -9.90 21.68
N GLN C 60 -14.66 -9.13 22.52
CA GLN C 60 -14.74 -9.29 23.97
C GLN C 60 -15.91 -8.48 24.54
N SER C 61 -16.45 -7.56 23.73
CA SER C 61 -17.62 -6.77 24.10
C SER C 61 -18.61 -6.74 22.94
N ARG C 62 -19.88 -6.47 23.25
CA ARG C 62 -20.88 -6.22 22.21
C ARG C 62 -20.54 -4.95 21.44
N ALA C 63 -19.90 -4.00 22.12
CA ALA C 63 -19.44 -2.75 21.51
C ALA C 63 -18.44 -3.05 20.41
N ASP C 64 -17.44 -3.87 20.73
CA ASP C 64 -16.40 -4.26 19.78
C ASP C 64 -16.99 -5.09 18.65
N PHE C 65 -17.93 -5.96 18.99
CA PHE C 65 -18.69 -6.72 17.99
C PHE C 65 -19.36 -5.83 16.94
N ILE C 66 -20.17 -4.88 17.41
CA ILE C 66 -20.87 -3.96 16.49
C ILE C 66 -19.88 -3.19 15.65
N ASN C 67 -18.78 -2.74 16.27
CA ASN C 67 -17.77 -1.98 15.54
C ASN C 67 -17.09 -2.78 14.41
N LYS C 68 -16.76 -4.03 14.69
CA LYS C 68 -16.20 -4.89 13.66
C LYS C 68 -17.22 -5.14 12.55
N LEU C 69 -18.50 -5.26 12.91
CA LEU C 69 -19.53 -5.42 11.88
C LEU C 69 -19.65 -4.16 11.03
N ASN C 70 -19.45 -3.00 11.65
CA ASN C 70 -19.48 -1.74 10.91
C ASN C 70 -18.34 -1.64 9.91
N ILE C 71 -17.16 -2.17 10.29
CA ILE C 71 -16.06 -2.26 9.32
C ILE C 71 -16.38 -3.25 8.18
N ALA C 72 -17.05 -4.37 8.50
CA ALA C 72 -17.54 -5.29 7.44
C ALA C 72 -18.50 -4.57 6.48
N LEU C 73 -19.39 -3.77 7.05
CA LEU C 73 -20.33 -3.00 6.23
C LEU C 73 -19.61 -1.98 5.31
N LYS C 74 -18.55 -1.38 5.84
CA LYS C 74 -17.74 -0.45 5.07
C LYS C 74 -17.16 -1.14 3.86
N GLU C 75 -16.63 -2.32 4.13
CA GLU C 75 -15.98 -3.13 3.08
C GLU C 75 -17.00 -3.59 2.03
N ALA C 76 -18.21 -3.94 2.47
CA ALA C 76 -19.32 -4.27 1.55
C ALA C 76 -19.64 -3.07 0.65
N ASN C 77 -19.69 -1.88 1.24
CA ASN C 77 -19.98 -0.69 0.47
CA ASN C 77 -19.95 -0.61 0.55
C ASN C 77 -18.88 -0.33 -0.50
N GLU C 78 -17.62 -0.49 -0.08
CA GLU C 78 -16.53 -0.24 -1.04
C GLU C 78 -16.58 -1.23 -2.20
N THR C 79 -16.87 -2.48 -1.89
CA THR C 79 -16.96 -3.53 -2.91
C THR C 79 -18.04 -3.16 -3.92
N GLU C 80 -19.17 -2.66 -3.43
CA GLU C 80 -20.29 -2.23 -4.29
C GLU C 80 -19.87 -1.07 -5.22
N TYR C 81 -19.03 -0.18 -4.70
CA TYR C 81 -18.45 0.89 -5.52
C TYR C 81 -17.64 0.29 -6.65
N TRP C 82 -16.74 -0.62 -6.32
CA TRP C 82 -15.88 -1.21 -7.37
C TRP C 82 -16.73 -1.98 -8.38
N LEU C 83 -17.78 -2.67 -7.92
CA LEU C 83 -18.63 -3.40 -8.86
C LEU C 83 -19.32 -2.45 -9.83
N GLU C 84 -19.80 -1.34 -9.30
CA GLU C 84 -20.48 -0.35 -10.13
C GLU C 84 -19.54 0.22 -11.18
N LEU C 85 -18.33 0.55 -10.74
CA LEU C 85 -17.29 1.01 -11.68
C LEU C 85 -16.99 -0.01 -12.77
N LEU C 86 -16.86 -1.28 -12.38
CA LEU C 86 -16.59 -2.34 -13.34
C LEU C 86 -17.70 -2.53 -14.39
N ILE C 87 -18.97 -2.48 -14.01
CA ILE C 87 -20.06 -2.55 -15.02
C ILE C 87 -20.09 -1.31 -15.89
N ARG C 88 -19.92 -0.12 -15.28
CA ARG C 88 -19.94 1.12 -16.08
C ARG C 88 -18.82 1.21 -17.09
N THR C 89 -17.68 0.57 -16.80
CA THR C 89 -16.56 0.56 -17.74
C THR C 89 -16.43 -0.75 -18.53
N GLU C 90 -17.45 -1.60 -18.50
CA GLU C 90 -17.58 -2.77 -19.37
C GLU C 90 -16.56 -3.88 -19.11
N TYR C 91 -15.99 -3.88 -17.90
CA TYR C 91 -15.14 -5.00 -17.46
C TYR C 91 -15.92 -6.24 -17.05
N ILE C 92 -17.17 -6.07 -16.64
CA ILE C 92 -18.06 -7.20 -16.37
C ILE C 92 -19.40 -6.96 -17.06
N THR C 93 -20.10 -8.05 -17.37
CA THR C 93 -21.41 -7.98 -18.01
C THR C 93 -22.47 -7.59 -17.00
N ARG C 94 -23.65 -7.21 -17.49
CA ARG C 94 -24.75 -6.87 -16.58
C ARG C 94 -25.14 -8.09 -15.76
N GLU C 95 -25.05 -9.28 -16.36
CA GLU C 95 -25.34 -10.54 -15.66
C GLU C 95 -24.38 -10.79 -14.52
N GLN C 96 -23.09 -10.55 -14.77
CA GLN C 96 -22.09 -10.72 -13.73
C GLN C 96 -22.33 -9.70 -12.61
N TYR C 97 -22.56 -8.46 -13.01
CA TYR C 97 -22.80 -7.37 -12.07
C TYR C 97 -23.97 -7.71 -11.15
N GLU C 98 -25.12 -8.03 -11.74
CA GLU C 98 -26.33 -8.25 -10.96
C GLU C 98 -26.16 -9.41 -9.99
N SER C 99 -25.56 -10.49 -10.46
CA SER C 99 -25.37 -11.68 -9.66
C SER C 99 -24.53 -11.40 -8.42
N ILE C 100 -23.39 -10.74 -8.61
CA ILE C 100 -22.43 -10.52 -7.54
C ILE C 100 -22.93 -9.39 -6.65
N ASN C 101 -23.48 -8.35 -7.27
CA ASN C 101 -23.96 -7.22 -6.48
C ASN C 101 -25.14 -7.56 -5.59
N ASN C 102 -26.02 -8.45 -6.06
CA ASN C 102 -27.14 -8.92 -5.27
C ASN C 102 -26.65 -9.68 -4.04
N ASP C 103 -25.60 -10.47 -4.20
CA ASP C 103 -25.01 -11.17 -3.04
C ASP C 103 -24.39 -10.16 -2.05
N SER C 104 -23.75 -9.13 -2.59
CA SER C 104 -23.14 -8.07 -1.76
C SER C 104 -24.20 -7.35 -0.96
N THR C 105 -25.28 -6.97 -1.62
CA THR C 105 -26.27 -6.13 -0.97
C THR C 105 -27.08 -6.95 0.05
N GLU C 106 -27.22 -8.24 -0.19
CA GLU C 106 -27.80 -9.14 0.81
C GLU C 106 -26.99 -9.08 2.10
N ILE C 107 -25.66 -9.03 2.00
CA ILE C 107 -24.80 -8.93 3.17
C ILE C 107 -24.96 -7.57 3.87
N ASN C 108 -25.04 -6.50 3.09
CA ASN C 108 -25.36 -5.18 3.66
C ASN C 108 -26.57 -5.22 4.58
N LYS C 109 -27.63 -5.83 4.09
CA LYS C 109 -28.93 -5.84 4.75
C LYS C 109 -28.83 -6.56 6.10
N LEU C 110 -28.17 -7.72 6.10
CA LEU C 110 -28.03 -8.50 7.32
C LEU C 110 -27.14 -7.77 8.34
N LEU C 111 -26.03 -7.19 7.86
CA LEU C 111 -25.16 -6.44 8.76
C LEU C 111 -25.88 -5.27 9.41
N ILE C 112 -26.68 -4.57 8.61
CA ILE C 112 -27.41 -3.42 9.14
C ILE C 112 -28.43 -3.85 10.19
N SER C 113 -29.11 -4.97 9.94
CA SER C 113 -30.09 -5.50 10.88
CA SER C 113 -30.10 -5.48 10.88
C SER C 113 -29.44 -5.80 12.23
N ILE C 114 -28.37 -6.59 12.20
CA ILE C 114 -27.64 -6.91 13.41
C ILE C 114 -27.23 -5.59 14.12
N ILE C 115 -26.56 -4.72 13.38
CA ILE C 115 -26.04 -3.48 13.95
C ILE C 115 -27.14 -2.63 14.57
N LYS C 116 -28.28 -2.57 13.87
CA LYS C 116 -29.42 -1.79 14.32
C LYS C 116 -30.29 -2.56 15.33
N THR C 117 -30.17 -3.88 15.35
CA THR C 117 -30.96 -4.72 16.25
C THR C 117 -30.53 -4.56 17.70
N ASP D 8 8.11 -15.77 25.59
CA ASP D 8 8.56 -14.65 24.72
C ASP D 8 9.54 -15.20 23.71
N ASN D 9 10.61 -15.82 24.22
CA ASN D 9 11.46 -16.68 23.40
C ASN D 9 10.65 -17.79 22.69
N VAL D 10 9.72 -18.41 23.43
CA VAL D 10 8.88 -19.52 22.91
C VAL D 10 7.98 -19.11 21.75
N VAL D 11 7.26 -18.01 21.90
CA VAL D 11 6.43 -17.56 20.78
C VAL D 11 7.29 -17.01 19.64
N LYS D 12 8.50 -16.53 19.95
CA LYS D 12 9.46 -16.15 18.91
C LYS D 12 9.74 -17.35 18.00
N ASP D 13 10.17 -18.45 18.62
CA ASP D 13 10.53 -19.66 17.86
C ASP D 13 9.30 -20.22 17.14
N LYS D 14 8.21 -20.36 17.89
CA LYS D 14 7.02 -20.95 17.31
C LYS D 14 6.47 -20.15 16.13
N SER D 15 6.56 -18.83 16.21
CA SER D 15 6.04 -18.00 15.09
C SER D 15 6.92 -18.10 13.85
N LEU D 16 8.23 -18.24 14.05
CA LEU D 16 9.13 -18.47 12.89
C LEU D 16 8.87 -19.86 12.31
N GLU D 17 8.76 -20.85 13.18
CA GLU D 17 8.45 -22.21 12.72
C GLU D 17 7.12 -22.21 11.96
N PHE D 18 6.14 -21.46 12.46
CA PHE D 18 4.83 -21.37 11.81
C PHE D 18 4.96 -20.69 10.42
N ALA D 19 5.77 -19.65 10.35
CA ALA D 19 6.07 -19.00 9.06
C ALA D 19 6.61 -20.01 8.03
N VAL D 20 7.53 -20.87 8.47
CA VAL D 20 8.04 -21.90 7.61
C VAL D 20 6.93 -22.83 7.09
N ARG D 21 6.05 -23.25 7.98
CA ARG D 21 4.95 -24.10 7.57
C ARG D 21 4.03 -23.42 6.58
N ILE D 22 3.79 -22.13 6.79
CA ILE D 22 2.94 -21.37 5.85
C ILE D 22 3.56 -21.30 4.47
N VAL D 23 4.88 -21.10 4.45
CA VAL D 23 5.64 -21.12 3.18
C VAL D 23 5.51 -22.48 2.49
N ASN D 24 5.63 -23.56 3.28
CA ASN D 24 5.45 -24.90 2.73
C ASN D 24 4.03 -25.14 2.18
N LEU D 25 3.02 -24.59 2.86
CA LEU D 25 1.64 -24.66 2.37
C LEU D 25 1.51 -23.84 1.09
N TYR D 26 2.12 -22.66 1.07
CA TYR D 26 2.15 -21.82 -0.14
C TYR D 26 2.77 -22.60 -1.31
N LYS D 27 3.90 -23.25 -1.10
CA LYS D 27 4.56 -24.01 -2.15
C LYS D 27 3.65 -25.11 -2.71
N PHE D 28 2.97 -25.82 -1.82
CA PHE D 28 1.98 -26.81 -2.21
C PHE D 28 0.89 -26.20 -3.07
N LEU D 29 0.37 -25.07 -2.64
CA LEU D 29 -0.75 -24.44 -3.35
C LEU D 29 -0.36 -23.98 -4.75
N VAL D 30 0.80 -23.36 -4.88
CA VAL D 30 1.22 -22.87 -6.19
CA VAL D 30 1.27 -22.87 -6.17
C VAL D 30 1.77 -23.97 -7.09
N ASN D 31 2.58 -24.88 -6.54
CA ASN D 31 3.23 -25.92 -7.36
C ASN D 31 2.31 -27.06 -7.72
N GLU D 32 1.40 -27.40 -6.80
CA GLU D 32 0.54 -28.58 -6.98
C GLU D 32 -0.90 -28.21 -7.37
N GLN D 33 -1.56 -27.37 -6.55
CA GLN D 33 -2.94 -26.96 -6.84
C GLN D 33 -3.05 -25.88 -7.91
N LYS D 34 -1.92 -25.23 -8.22
CA LYS D 34 -1.88 -24.14 -9.19
C LYS D 34 -2.87 -23.04 -8.77
N GLU D 35 -2.80 -22.69 -7.47
CA GLU D 35 -3.67 -21.70 -6.85
C GLU D 35 -2.78 -20.53 -6.47
N PHE D 36 -3.07 -19.36 -7.04
CA PHE D 36 -2.13 -18.24 -6.99
C PHE D 36 -2.65 -17.01 -6.26
N VAL D 37 -3.87 -17.05 -5.77
CA VAL D 37 -4.54 -15.84 -5.20
C VAL D 37 -4.62 -15.92 -3.68
N SER D 39 -3.28 -18.34 -1.90
CA SER D 39 -1.93 -18.72 -1.49
C SER D 39 -1.05 -17.48 -1.13
N LYS D 40 -1.06 -16.48 -2.00
CA LYS D 40 -0.24 -15.27 -1.79
C LYS D 40 -0.78 -14.47 -0.60
N GLN D 41 -2.10 -14.48 -0.43
CA GLN D 41 -2.70 -13.78 0.71
C GLN D 41 -2.28 -14.41 2.03
N ILE D 42 -2.39 -15.73 2.15
CA ILE D 42 -2.02 -16.42 3.39
C ILE D 42 -0.52 -16.42 3.62
N LEU D 43 0.25 -16.47 2.54
CA LEU D 43 1.70 -16.30 2.63
C LEU D 43 2.04 -14.99 3.35
N ARG D 44 1.44 -13.88 2.94
CA ARG D 44 1.70 -12.63 3.57
C ARG D 44 1.27 -12.63 5.06
N SER D 45 0.00 -12.97 5.32
CA SER D 45 -0.53 -12.84 6.67
C SER D 45 0.19 -13.82 7.60
N GLY D 46 0.42 -15.04 7.12
CA GLY D 46 1.00 -16.08 8.00
C GLY D 46 2.46 -15.87 8.36
N THR D 47 3.21 -15.23 7.47
CA THR D 47 4.62 -14.95 7.75
C THR D 47 4.75 -13.62 8.47
N SER D 48 3.75 -12.76 8.36
CA SER D 48 3.79 -11.48 9.08
C SER D 48 3.53 -11.58 10.57
N ILE D 49 2.96 -12.70 11.02
CA ILE D 49 2.80 -12.91 12.49
C ILE D 49 4.18 -12.85 13.16
N GLY D 50 5.16 -13.62 12.66
CA GLY D 50 6.48 -13.61 13.27
C GLY D 50 7.21 -12.29 13.09
N ALA D 51 6.99 -11.64 11.95
CA ALA D 51 7.56 -10.30 11.74
C ALA D 51 7.13 -9.32 12.82
N ASN D 52 5.83 -9.29 13.14
CA ASN D 52 5.32 -8.38 14.18
C ASN D 52 5.75 -8.75 15.60
N ILE D 53 5.84 -10.05 15.87
CA ILE D 53 6.37 -10.52 17.15
C ILE D 53 7.81 -10.08 17.31
N ARG D 54 8.61 -10.17 16.25
CA ARG D 54 9.98 -9.71 16.39
C ARG D 54 10.05 -8.19 16.64
N GLU D 55 9.17 -7.44 15.99
CA GLU D 55 9.09 -6.02 16.21
C GLU D 55 8.73 -5.75 17.67
N ALA D 56 7.75 -6.49 18.17
CA ALA D 56 7.36 -6.42 19.58
C ALA D 56 8.55 -6.62 20.52
N GLU D 57 9.39 -7.62 20.23
CA GLU D 57 10.56 -7.93 21.06
C GLU D 57 11.51 -6.76 21.20
N GLN D 58 11.60 -5.96 20.13
CA GLN D 58 12.53 -4.85 20.06
C GLN D 58 11.88 -3.53 20.47
N ALA D 59 10.61 -3.54 20.83
CA ALA D 59 9.90 -2.32 21.22
C ALA D 59 10.56 -1.59 22.40
N GLN D 60 10.48 -0.26 22.38
CA GLN D 60 11.13 0.57 23.38
C GLN D 60 10.19 0.95 24.53
N SER D 61 8.89 0.70 24.35
CA SER D 61 7.88 0.91 25.39
C SER D 61 6.88 -0.26 25.45
N ARG D 62 6.09 -0.27 26.53
CA ARG D 62 5.09 -1.30 26.76
C ARG D 62 3.91 -1.16 25.80
N ALA D 63 3.47 0.06 25.55
CA ALA D 63 2.36 0.28 24.61
C ALA D 63 2.73 -0.18 23.20
N ASP D 64 3.97 0.09 22.80
CA ASP D 64 4.47 -0.34 21.49
C ASP D 64 4.49 -1.86 21.44
N PHE D 65 5.02 -2.47 22.51
CA PHE D 65 5.08 -3.93 22.65
C PHE D 65 3.71 -4.57 22.44
N ILE D 66 2.74 -4.14 23.24
CA ILE D 66 1.35 -4.64 23.12
C ILE D 66 0.73 -4.30 21.75
N ASN D 67 1.01 -3.12 21.20
CA ASN D 67 0.49 -2.74 19.90
C ASN D 67 0.97 -3.67 18.79
N LYS D 68 2.25 -4.03 18.81
CA LYS D 68 2.78 -4.96 17.79
C LYS D 68 2.28 -6.38 18.00
N LEU D 69 2.20 -6.83 19.24
CA LEU D 69 1.63 -8.17 19.49
C LEU D 69 0.16 -8.24 19.08
N ASN D 70 -0.56 -7.12 19.21
CA ASN D 70 -1.94 -7.06 18.70
C ASN D 70 -2.03 -7.16 17.17
N ILE D 71 -1.07 -6.56 16.48
CA ILE D 71 -1.00 -6.68 15.03
C ILE D 71 -0.70 -8.14 14.65
N ALA D 72 0.19 -8.79 15.39
CA ALA D 72 0.48 -10.23 15.15
C ALA D 72 -0.79 -11.05 15.30
N LEU D 73 -1.57 -10.78 16.33
CA LEU D 73 -2.84 -11.45 16.55
C LEU D 73 -3.85 -11.17 15.44
N LYS D 74 -3.86 -9.96 14.91
CA LYS D 74 -4.67 -9.67 13.72
C LYS D 74 -4.25 -10.43 12.45
N GLU D 75 -2.95 -10.50 12.21
CA GLU D 75 -2.41 -11.35 11.14
C GLU D 75 -2.73 -12.83 11.34
N ALA D 76 -2.73 -13.30 12.59
CA ALA D 76 -3.11 -14.67 12.89
C ALA D 76 -4.57 -14.92 12.56
N ASN D 77 -5.42 -13.97 12.92
CA ASN D 77 -6.81 -14.15 12.59
C ASN D 77 -7.05 -14.10 11.06
N GLU D 78 -6.31 -13.24 10.36
CA GLU D 78 -6.39 -13.22 8.89
C GLU D 78 -5.93 -14.55 8.30
N THR D 79 -4.86 -15.11 8.85
CA THR D 79 -4.33 -16.37 8.39
C THR D 79 -5.38 -17.46 8.58
N GLU D 80 -6.03 -17.46 9.74
CA GLU D 80 -7.10 -18.43 10.02
C GLU D 80 -8.29 -18.29 9.09
N TYR D 81 -8.59 -17.05 8.73
CA TYR D 81 -9.60 -16.76 7.72
C TYR D 81 -9.27 -17.36 6.34
N TRP D 82 -8.05 -17.14 5.85
CA TRP D 82 -7.65 -17.74 4.60
C TRP D 82 -7.68 -19.26 4.68
N LEU D 83 -7.27 -19.85 5.82
CA LEU D 83 -7.37 -21.31 5.95
C LEU D 83 -8.80 -21.81 5.87
N GLU D 84 -9.75 -21.07 6.46
CA GLU D 84 -11.15 -21.43 6.35
C GLU D 84 -11.56 -21.42 4.87
N LEU D 85 -11.13 -20.40 4.15
CA LEU D 85 -11.50 -20.32 2.71
C LEU D 85 -10.86 -21.45 1.90
N LEU D 86 -9.61 -21.82 2.22
CA LEU D 86 -8.90 -22.88 1.49
C LEU D 86 -9.53 -24.25 1.74
N ILE D 87 -10.04 -24.51 2.94
CA ILE D 87 -10.70 -25.81 3.14
C ILE D 87 -12.12 -25.80 2.55
N ARG D 88 -12.84 -24.68 2.67
CA ARG D 88 -14.17 -24.60 2.09
C ARG D 88 -14.13 -24.81 0.57
N THR D 89 -13.10 -24.27 -0.05
CA THR D 89 -12.90 -24.41 -1.48
C THR D 89 -12.12 -25.70 -1.90
N GLU D 90 -11.78 -26.53 -0.92
CA GLU D 90 -11.19 -27.84 -1.14
C GLU D 90 -9.78 -27.83 -1.75
N TYR D 91 -9.06 -26.72 -1.60
CA TYR D 91 -7.66 -26.67 -2.00
C TYR D 91 -6.75 -27.36 -0.97
N ILE D 92 -7.19 -27.45 0.27
CA ILE D 92 -6.45 -28.21 1.30
C ILE D 92 -7.33 -29.26 1.91
N THR D 93 -6.70 -30.30 2.46
CA THR D 93 -7.43 -31.38 3.15
C THR D 93 -7.74 -31.01 4.57
N ARG D 94 -8.66 -31.73 5.19
CA ARG D 94 -8.90 -31.58 6.62
C ARG D 94 -7.63 -31.77 7.43
N GLU D 95 -6.80 -32.73 7.05
CA GLU D 95 -5.51 -32.96 7.75
C GLU D 95 -4.58 -31.76 7.69
N GLN D 96 -4.47 -31.13 6.51
CA GLN D 96 -3.68 -29.93 6.38
C GLN D 96 -4.29 -28.82 7.23
N TYR D 97 -5.60 -28.66 7.13
CA TYR D 97 -6.27 -27.63 7.90
C TYR D 97 -6.09 -27.78 9.40
N GLU D 98 -6.28 -28.98 9.91
CA GLU D 98 -6.14 -29.22 11.34
C GLU D 98 -4.72 -29.03 11.85
N SER D 99 -3.75 -29.50 11.07
CA SER D 99 -2.34 -29.38 11.48
C SER D 99 -1.89 -27.91 11.60
N ILE D 100 -2.25 -27.11 10.59
CA ILE D 100 -1.88 -25.71 10.60
CA ILE D 100 -1.84 -25.73 10.60
C ILE D 100 -2.65 -24.95 11.66
N ASN D 101 -3.95 -25.22 11.78
CA ASN D 101 -4.78 -24.56 12.78
CA ASN D 101 -4.76 -24.53 12.80
C ASN D 101 -4.33 -24.89 14.21
N ASN D 102 -3.88 -26.12 14.44
CA ASN D 102 -3.37 -26.48 15.78
C ASN D 102 -2.19 -25.55 16.15
N ASP D 103 -1.32 -25.33 15.18
CA ASP D 103 -0.13 -24.50 15.42
C ASP D 103 -0.50 -23.03 15.61
N SER D 104 -1.46 -22.57 14.82
CA SER D 104 -1.99 -21.22 14.95
CA SER D 104 -1.92 -21.19 14.97
C SER D 104 -2.63 -20.97 16.31
N THR D 105 -3.41 -21.95 16.76
CA THR D 105 -4.06 -21.86 18.08
C THR D 105 -3.04 -21.69 19.18
N GLU D 106 -1.96 -22.47 19.10
CA GLU D 106 -0.91 -22.43 20.11
C GLU D 106 -0.31 -21.02 20.17
N ILE D 107 -0.03 -20.42 19.01
CA ILE D 107 0.53 -19.06 18.96
C ILE D 107 -0.48 -18.04 19.51
N ASN D 108 -1.75 -18.15 19.12
CA ASN D 108 -2.78 -17.28 19.70
C ASN D 108 -2.80 -17.30 21.20
N LYS D 109 -2.76 -18.50 21.79
CA LYS D 109 -2.82 -18.60 23.22
C LYS D 109 -1.61 -17.90 23.85
N LEU D 110 -0.45 -18.09 23.25
CA LEU D 110 0.78 -17.48 23.75
C LEU D 110 0.72 -15.94 23.68
N LEU D 111 0.29 -15.40 22.54
CA LEU D 111 0.15 -13.95 22.39
C LEU D 111 -0.84 -13.36 23.40
N ILE D 112 -2.00 -14.00 23.51
CA ILE D 112 -3.02 -13.54 24.43
C ILE D 112 -2.51 -13.56 25.88
N SER D 113 -1.81 -14.62 26.25
CA SER D 113 -1.18 -14.70 27.57
C SER D 113 -0.21 -13.53 27.79
N ILE D 114 0.61 -13.25 26.79
CA ILE D 114 1.59 -12.16 26.87
C ILE D 114 0.87 -10.80 26.89
N ILE D 115 -0.10 -10.62 26.01
CA ILE D 115 -0.91 -9.41 26.02
C ILE D 115 -1.77 -9.44 27.26
C ASN E 9 29.08 7.13 6.73
N VAL E 10 29.78 6.56 7.70
CA VAL E 10 30.27 5.19 7.52
C VAL E 10 29.05 4.30 7.37
N VAL E 11 28.12 4.48 8.30
CA VAL E 11 26.87 3.74 8.24
C VAL E 11 26.04 4.19 7.03
N LYS E 12 26.17 5.45 6.63
CA LYS E 12 25.50 5.96 5.43
C LYS E 12 25.91 5.15 4.22
N ASP E 13 27.22 5.06 3.97
CA ASP E 13 27.77 4.32 2.84
C ASP E 13 27.39 2.84 2.94
N LYS E 14 27.49 2.26 4.14
CA LYS E 14 27.13 0.85 4.31
C LYS E 14 25.65 0.64 3.95
N SER E 15 24.79 1.57 4.34
CA SER E 15 23.35 1.37 4.07
C SER E 15 23.03 1.46 2.55
N LEU E 16 23.79 2.27 1.82
CA LEU E 16 23.61 2.37 0.36
C LEU E 16 24.07 1.09 -0.32
N GLU E 17 25.23 0.58 0.10
CA GLU E 17 25.72 -0.66 -0.47
C GLU E 17 24.72 -1.77 -0.16
N PHE E 18 24.17 -1.74 1.06
CA PHE E 18 23.22 -2.76 1.48
C PHE E 18 21.92 -2.67 0.68
N ALA E 19 21.40 -1.46 0.48
CA ALA E 19 20.23 -1.26 -0.40
C ALA E 19 20.42 -1.88 -1.78
N VAL E 20 21.59 -1.70 -2.39
CA VAL E 20 21.91 -2.36 -3.66
C VAL E 20 21.83 -3.90 -3.56
N ARG E 21 22.37 -4.50 -2.51
CA ARG E 21 22.25 -5.92 -2.33
C ARG E 21 20.79 -6.38 -2.20
N ILE E 22 19.97 -5.58 -1.53
CA ILE E 22 18.56 -5.93 -1.33
C ILE E 22 17.80 -5.81 -2.66
N VAL E 23 18.09 -4.80 -3.46
CA VAL E 23 17.47 -4.68 -4.78
C VAL E 23 17.80 -5.91 -5.61
N ASN E 24 19.05 -6.31 -5.58
CA ASN E 24 19.45 -7.46 -6.36
C ASN E 24 18.89 -8.78 -5.82
N LEU E 25 18.82 -8.90 -4.51
CA LEU E 25 18.12 -10.06 -3.90
C LEU E 25 16.65 -10.11 -4.31
N TYR E 26 15.98 -8.96 -4.28
CA TYR E 26 14.60 -8.91 -4.77
C TYR E 26 14.43 -9.46 -6.20
N LYS E 27 15.28 -9.00 -7.10
CA LYS E 27 15.26 -9.43 -8.50
C LYS E 27 15.51 -10.94 -8.64
N PHE E 28 16.39 -11.47 -7.81
CA PHE E 28 16.66 -12.91 -7.77
C PHE E 28 15.43 -13.66 -7.31
N LEU E 29 14.82 -13.18 -6.23
CA LEU E 29 13.65 -13.84 -5.70
C LEU E 29 12.47 -13.83 -6.67
N VAL E 30 12.25 -12.69 -7.31
CA VAL E 30 11.12 -12.60 -8.22
C VAL E 30 11.39 -13.39 -9.51
N ASN E 31 12.52 -13.14 -10.15
CA ASN E 31 12.75 -13.67 -11.50
C ASN E 31 13.25 -15.10 -11.52
N GLU E 32 14.01 -15.49 -10.51
CA GLU E 32 14.54 -16.85 -10.48
C GLU E 32 13.72 -17.77 -9.60
N GLN E 33 13.35 -17.30 -8.42
CA GLN E 33 12.60 -18.13 -7.48
C GLN E 33 11.09 -17.98 -7.59
N LYS E 34 10.62 -17.05 -8.44
CA LYS E 34 9.16 -16.80 -8.56
C LYS E 34 8.51 -16.58 -7.19
N GLU E 35 9.10 -15.70 -6.39
CA GLU E 35 8.57 -15.40 -5.07
C GLU E 35 8.36 -13.89 -5.03
N PHE E 36 7.12 -13.51 -4.70
CA PHE E 36 6.63 -12.15 -4.90
C PHE E 36 6.20 -11.42 -3.65
N VAL E 37 6.02 -12.17 -2.55
CA VAL E 37 5.43 -11.67 -1.34
C VAL E 37 6.47 -11.34 -0.26
N SER E 39 9.59 -11.34 -0.83
CA SER E 39 10.51 -10.48 -1.60
C SER E 39 10.06 -9.01 -1.51
N LYS E 40 8.78 -8.73 -1.72
CA LYS E 40 8.28 -7.37 -1.61
C LYS E 40 8.55 -6.80 -0.19
N GLN E 41 8.27 -7.60 0.83
CA GLN E 41 8.52 -7.21 2.22
C GLN E 41 9.97 -6.83 2.49
N ILE E 42 10.92 -7.66 2.04
CA ILE E 42 12.32 -7.40 2.33
C ILE E 42 12.87 -6.26 1.43
N LEU E 43 12.34 -6.11 0.21
CA LEU E 43 12.71 -4.97 -0.62
C LEU E 43 12.43 -3.68 0.16
N ARG E 44 11.22 -3.61 0.70
CA ARG E 44 10.81 -2.42 1.45
C ARG E 44 11.67 -2.20 2.67
N SER E 45 11.76 -3.22 3.53
CA SER E 45 12.51 -3.04 4.79
C SER E 45 13.97 -2.75 4.53
N GLY E 46 14.55 -3.49 3.59
CA GLY E 46 15.98 -3.46 3.32
C GLY E 46 16.47 -2.16 2.71
N THR E 47 15.63 -1.54 1.88
CA THR E 47 15.96 -0.26 1.24
C THR E 47 15.54 0.92 2.10
N SER E 48 14.59 0.66 3.02
CA SER E 48 14.12 1.70 3.94
C SER E 48 15.16 2.11 5.00
N ILE E 49 16.09 1.21 5.28
CA ILE E 49 17.15 1.46 6.22
C ILE E 49 17.91 2.69 5.79
N GLY E 50 18.43 2.67 4.56
CA GLY E 50 19.24 3.78 4.06
C GLY E 50 18.43 5.05 3.88
N ALA E 51 17.19 4.90 3.49
CA ALA E 51 16.29 6.06 3.34
C ALA E 51 16.10 6.80 4.67
N ASN E 52 15.90 6.04 5.75
CA ASN E 52 15.74 6.65 7.07
C ASN E 52 17.01 7.26 7.65
N ILE E 53 18.17 6.64 7.37
CA ILE E 53 19.45 7.20 7.80
C ILE E 53 19.68 8.54 7.11
N ARG E 54 19.36 8.63 5.84
CA ARG E 54 19.38 9.91 5.11
C ARG E 54 18.41 10.91 5.74
N GLU E 55 17.19 10.49 6.07
CA GLU E 55 16.22 11.39 6.74
C GLU E 55 16.78 11.91 8.07
N ALA E 56 17.40 11.01 8.85
CA ALA E 56 18.04 11.34 10.10
C ALA E 56 19.01 12.50 9.97
N GLU E 57 19.86 12.44 8.95
CA GLU E 57 20.88 13.47 8.77
C GLU E 57 20.27 14.85 8.60
N GLN E 58 19.04 14.89 8.08
CA GLN E 58 18.30 16.14 7.86
C GLN E 58 17.40 16.60 9.01
N ALA E 59 17.41 15.89 10.13
CA ALA E 59 16.50 16.15 11.25
C ALA E 59 16.81 17.50 11.91
N GLN E 60 15.77 18.17 12.41
CA GLN E 60 15.92 19.50 13.03
C GLN E 60 16.07 19.46 14.56
N SER E 61 16.07 18.26 15.13
CA SER E 61 16.30 18.08 16.56
C SER E 61 17.00 16.76 16.78
N ARG E 62 17.62 16.63 17.95
CA ARG E 62 18.26 15.39 18.36
CA ARG E 62 18.26 15.39 18.36
C ARG E 62 17.22 14.28 18.47
N ALA E 63 16.06 14.61 19.04
CA ALA E 63 14.95 13.67 19.19
C ALA E 63 14.54 13.09 17.83
N ASP E 64 14.42 13.93 16.82
CA ASP E 64 13.98 13.47 15.52
C ASP E 64 15.09 12.66 14.82
N PHE E 65 16.33 13.09 14.99
CA PHE E 65 17.52 12.33 14.54
C PHE E 65 17.50 10.92 15.10
N ILE E 66 17.36 10.81 16.42
CA ILE E 66 17.32 9.49 17.05
C ILE E 66 16.09 8.67 16.62
N ASN E 67 14.93 9.31 16.48
CA ASN E 67 13.72 8.61 16.02
CA ASN E 67 13.73 8.61 16.03
C ASN E 67 13.94 7.97 14.66
N LYS E 68 14.54 8.73 13.73
CA LYS E 68 14.75 8.22 12.38
C LYS E 68 15.79 7.08 12.38
N LEU E 69 16.80 7.21 13.22
CA LEU E 69 17.78 6.11 13.31
C LEU E 69 17.13 4.89 13.95
N ASN E 70 16.25 5.09 14.93
CA ASN E 70 15.50 3.95 15.51
C ASN E 70 14.61 3.25 14.48
N ILE E 71 13.99 4.03 13.58
CA ILE E 71 13.19 3.44 12.51
C ILE E 71 14.10 2.64 11.58
N ALA E 72 15.26 3.21 11.22
CA ALA E 72 16.25 2.44 10.43
C ALA E 72 16.62 1.11 11.10
N LEU E 73 16.83 1.14 12.40
CA LEU E 73 17.15 -0.04 13.17
C LEU E 73 16.01 -1.07 13.13
N LYS E 74 14.78 -0.59 13.32
CA LYS E 74 13.59 -1.42 13.14
C LYS E 74 13.56 -2.08 11.78
N GLU E 75 13.85 -1.31 10.72
CA GLU E 75 13.86 -1.87 9.38
C GLU E 75 14.95 -2.92 9.20
N ALA E 76 16.10 -2.69 9.84
CA ALA E 76 17.20 -3.67 9.81
C ALA E 76 16.78 -4.99 10.46
N ASN E 77 16.13 -4.88 11.60
CA ASN E 77 15.65 -6.06 12.30
C ASN E 77 14.63 -6.82 11.47
N GLU E 78 13.71 -6.10 10.86
CA GLU E 78 12.69 -6.71 10.01
C GLU E 78 13.39 -7.42 8.86
N THR E 79 14.34 -6.74 8.22
CA THR E 79 15.13 -7.37 7.16
C THR E 79 15.74 -8.72 7.56
N GLU E 80 16.28 -8.77 8.77
CA GLU E 80 16.92 -9.97 9.30
C GLU E 80 15.93 -11.10 9.53
N TYR E 81 14.71 -10.75 9.88
CA TYR E 81 13.63 -11.74 10.04
C TYR E 81 13.35 -12.37 8.67
N TRP E 82 13.14 -11.53 7.66
CA TRP E 82 12.91 -12.11 6.32
C TRP E 82 14.08 -12.95 5.80
N LEU E 83 15.30 -12.49 6.01
CA LEU E 83 16.47 -13.27 5.59
C LEU E 83 16.45 -14.63 6.29
N GLU E 84 16.16 -14.66 7.59
CA GLU E 84 16.11 -15.94 8.33
C GLU E 84 15.03 -16.87 7.75
N LEU E 85 13.85 -16.33 7.48
CA LEU E 85 12.78 -17.11 6.88
C LEU E 85 13.13 -17.64 5.48
N LEU E 86 13.84 -16.82 4.70
CA LEU E 86 14.23 -17.18 3.35
C LEU E 86 15.25 -18.33 3.33
N ILE E 87 16.21 -18.34 4.26
CA ILE E 87 17.18 -19.47 4.28
C ILE E 87 16.47 -20.73 4.81
N ARG E 88 15.63 -20.56 5.83
CA ARG E 88 14.91 -21.69 6.38
C ARG E 88 14.00 -22.37 5.34
N THR E 89 13.50 -21.59 4.38
CA THR E 89 12.62 -22.10 3.33
C THR E 89 13.32 -22.31 1.98
N GLU E 90 14.65 -22.28 1.99
CA GLU E 90 15.49 -22.70 0.86
C GLU E 90 15.40 -21.77 -0.37
N TYR E 91 15.00 -20.51 -0.16
CA TYR E 91 14.96 -19.55 -1.26
C TYR E 91 16.33 -18.95 -1.51
N ILE E 92 17.18 -18.96 -0.49
CA ILE E 92 18.57 -18.52 -0.61
C ILE E 92 19.47 -19.58 0.04
N THR E 93 20.74 -19.61 -0.38
CA THR E 93 21.71 -20.57 0.18
C THR E 93 22.21 -20.05 1.52
N ARG E 94 22.85 -20.94 2.28
CA ARG E 94 23.46 -20.54 3.53
C ARG E 94 24.54 -19.45 3.31
N GLU E 95 25.29 -19.60 2.23
CA GLU E 95 26.36 -18.67 1.88
C GLU E 95 25.79 -17.28 1.59
N GLN E 96 24.72 -17.24 0.78
CA GLN E 96 23.98 -16.01 0.47
C GLN E 96 23.45 -15.38 1.76
N TYR E 97 22.81 -16.20 2.60
CA TYR E 97 22.24 -15.72 3.86
C TYR E 97 23.28 -15.06 4.76
N GLU E 98 24.38 -15.77 4.98
CA GLU E 98 25.40 -15.30 5.90
C GLU E 98 26.02 -14.02 5.37
N SER E 99 26.29 -13.98 4.07
CA SER E 99 26.87 -12.76 3.48
C SER E 99 25.95 -11.54 3.69
N ILE E 100 24.70 -11.68 3.25
CA ILE E 100 23.73 -10.60 3.36
C ILE E 100 23.38 -10.26 4.79
N ASN E 101 23.16 -11.29 5.62
CA ASN E 101 22.86 -11.04 7.04
C ASN E 101 24.01 -10.37 7.79
N ASN E 102 25.26 -10.75 7.50
CA ASN E 102 26.40 -10.09 8.11
C ASN E 102 26.34 -8.59 7.80
N ASP E 103 26.00 -8.23 6.57
CA ASP E 103 25.93 -6.81 6.19
C ASP E 103 24.79 -6.10 6.89
N SER E 104 23.67 -6.79 7.02
CA SER E 104 22.49 -6.17 7.65
C SER E 104 22.76 -5.93 9.13
N THR E 105 23.29 -6.93 9.83
CA THR E 105 23.56 -6.84 11.26
C THR E 105 24.69 -5.87 11.57
N GLU E 106 25.66 -5.74 10.68
CA GLU E 106 26.66 -4.63 10.80
C GLU E 106 25.96 -3.28 10.99
N ILE E 107 24.94 -3.05 10.17
CA ILE E 107 24.17 -1.82 10.28
C ILE E 107 23.45 -1.70 11.61
N ASN E 108 22.87 -2.78 12.16
CA ASN E 108 22.32 -2.69 13.54
C ASN E 108 23.35 -2.15 14.53
N LYS E 109 24.55 -2.72 14.45
CA LYS E 109 25.60 -2.44 15.41
C LYS E 109 26.03 -1.00 15.33
N LEU E 110 26.27 -0.52 14.11
CA LEU E 110 26.70 0.86 13.94
C LEU E 110 25.61 1.83 14.41
N LEU E 111 24.33 1.54 14.10
CA LEU E 111 23.20 2.39 14.54
C LEU E 111 23.10 2.46 16.06
N ILE E 112 23.18 1.30 16.70
CA ILE E 112 23.10 1.25 18.14
C ILE E 112 24.23 2.05 18.78
N SER E 113 25.43 1.92 18.23
CA SER E 113 26.57 2.72 18.75
C SER E 113 26.34 4.22 18.61
N ILE E 114 25.70 4.64 17.52
CA ILE E 114 25.39 6.08 17.35
C ILE E 114 24.33 6.52 18.36
N ILE E 115 23.28 5.73 18.47
CA ILE E 115 22.13 6.07 19.28
C ILE E 115 22.46 6.09 20.76
N LYS E 116 23.21 5.08 21.21
CA LYS E 116 23.33 4.76 22.64
C LYS E 116 24.68 5.04 23.26
N THR E 117 25.68 5.42 22.47
CA THR E 117 26.98 5.75 23.05
C THR E 117 27.42 7.17 22.65
N THR E 118 26.71 7.77 21.70
#